data_8VGC
#
_entry.id   8VGC
#
_cell.length_a   49.260
_cell.length_b   60.640
_cell.length_c   73.910
_cell.angle_alpha   90.00
_cell.angle_beta   90.00
_cell.angle_gamma   90.00
#
_symmetry.space_group_name_H-M   'P 21 21 21'
#
loop_
_entity.id
_entity.type
_entity.pdbx_description
1 polymer 'Biopolymer transport protein ExbD'
2 polymer GLN-PRO-ILE-SER-VAL-THR-MET-VAL-THR-PRO
3 water water
#
loop_
_entity_poly.entity_id
_entity_poly.type
_entity_poly.pdbx_seq_one_letter_code
_entity_poly.pdbx_strand_id
1 'polypeptide(L)'
;RPEKPVYLSVKADNSMFIGNDPVTDETMITALNALTEGKKDTTIFFRADKTVDYETLMKVMDTLHQAGYLKIGLVGEETA
KAK
;
A,B
2 'polypeptide(L)' QPISVTMVTP P
#
# COMPACT_ATOMS: atom_id res chain seq x y z
N GLU A 3 -13.99 -11.76 16.92
CA GLU A 3 -13.16 -10.75 16.26
C GLU A 3 -12.14 -11.40 15.33
N LYS A 4 -12.56 -11.79 14.10
CA LYS A 4 -11.73 -12.46 13.11
C LYS A 4 -10.82 -11.44 12.45
N PRO A 5 -9.69 -11.87 11.90
CA PRO A 5 -8.89 -10.93 11.13
C PRO A 5 -9.69 -10.42 9.96
N VAL A 6 -9.48 -9.14 9.64
CA VAL A 6 -10.14 -8.48 8.53
C VAL A 6 -9.25 -8.58 7.29
N TYR A 7 -9.72 -9.33 6.30
CA TYR A 7 -8.98 -9.52 5.05
C TYR A 7 -9.78 -8.90 3.90
N LEU A 8 -9.26 -7.86 3.34
CA LEU A 8 -9.93 -7.15 2.22
C LEU A 8 -9.18 -7.55 0.98
N SER A 9 -9.87 -8.07 -0.01
CA SER A 9 -9.21 -8.48 -1.24
C SER A 9 -9.87 -7.81 -2.44
N VAL A 10 -9.05 -7.56 -3.45
CA VAL A 10 -9.48 -7.01 -4.73
C VAL A 10 -9.02 -7.98 -5.80
N LYS A 11 -9.97 -8.47 -6.59
CA LYS A 11 -9.67 -9.37 -7.72
C LYS A 11 -9.32 -8.61 -8.99
N ALA A 12 -8.80 -9.36 -9.96
CA ALA A 12 -8.35 -8.75 -11.20
C ALA A 12 -9.50 -8.11 -11.97
N ASP A 13 -10.73 -8.62 -11.83
CA ASP A 13 -11.86 -7.98 -12.47
C ASP A 13 -12.43 -6.83 -11.63
N ASN A 14 -11.72 -6.49 -10.55
CA ASN A 14 -11.98 -5.40 -9.62
C ASN A 14 -13.18 -5.64 -8.70
N SER A 15 -13.67 -6.86 -8.62
CA SER A 15 -14.60 -7.20 -7.55
C SER A 15 -13.81 -7.30 -6.26
N MET A 16 -14.50 -7.03 -5.15
CA MET A 16 -13.86 -6.87 -3.87
CA MET A 16 -13.87 -6.84 -3.87
C MET A 16 -14.61 -7.66 -2.82
N PHE A 17 -13.85 -8.11 -1.80
CA PHE A 17 -14.41 -8.98 -0.76
C PHE A 17 -13.81 -8.61 0.58
N ILE A 18 -14.62 -8.73 1.65
CA ILE A 18 -14.07 -8.75 3.01
C ILE A 18 -14.30 -10.15 3.49
N GLY A 19 -13.24 -10.91 3.71
CA GLY A 19 -13.41 -12.32 3.89
C GLY A 19 -14.01 -12.89 2.62
N ASN A 20 -15.15 -13.56 2.74
CA ASN A 20 -15.90 -14.05 1.59
C ASN A 20 -17.10 -13.16 1.23
N ASP A 21 -17.23 -12.02 1.87
CA ASP A 21 -18.42 -11.17 1.73
C ASP A 21 -18.17 -10.16 0.61
N PRO A 22 -18.96 -10.18 -0.46
CA PRO A 22 -18.74 -9.21 -1.54
C PRO A 22 -19.06 -7.80 -1.06
N VAL A 23 -18.24 -6.87 -1.48
CA VAL A 23 -18.41 -5.46 -1.17
C VAL A 23 -18.05 -4.63 -2.38
N THR A 24 -18.57 -3.41 -2.41
CA THR A 24 -18.05 -2.39 -3.33
C THR A 24 -17.58 -1.21 -2.52
N ASP A 25 -17.05 -0.19 -3.22
CA ASP A 25 -16.57 0.95 -2.48
C ASP A 25 -17.69 1.64 -1.71
N GLU A 26 -18.92 1.56 -2.20
CA GLU A 26 -20.11 2.15 -1.56
C GLU A 26 -20.62 1.34 -0.38
N THR A 27 -20.35 0.02 -0.32
CA THR A 27 -20.87 -0.81 0.79
C THR A 27 -19.77 -1.24 1.76
N MET A 28 -18.51 -0.98 1.46
CA MET A 28 -17.39 -1.54 2.22
CA MET A 28 -17.48 -1.63 2.25
C MET A 28 -17.37 -1.07 3.67
N ILE A 29 -17.56 0.23 3.88
CA ILE A 29 -17.49 0.75 5.26
C ILE A 29 -18.63 0.22 6.13
N THR A 30 -19.84 0.11 5.60
CA THR A 30 -20.92 -0.51 6.37
C THR A 30 -20.54 -1.94 6.77
N ALA A 31 -19.95 -2.68 5.84
CA ALA A 31 -19.54 -4.03 6.16
C ALA A 31 -18.45 -4.05 7.22
N LEU A 32 -17.41 -3.19 7.05
N LEU A 32 -17.45 -3.17 7.05
CA LEU A 32 -16.33 -3.17 8.04
CA LEU A 32 -16.34 -3.16 7.99
C LEU A 32 -16.85 -2.78 9.41
C LEU A 32 -16.79 -2.73 9.39
N ASN A 33 -17.70 -1.76 9.48
CA ASN A 33 -18.15 -1.30 10.78
C ASN A 33 -18.92 -2.38 11.52
N ALA A 34 -19.69 -3.19 10.79
CA ALA A 34 -20.38 -4.31 11.43
C ALA A 34 -19.39 -5.37 11.92
N LEU A 35 -18.36 -5.65 11.12
CA LEU A 35 -17.38 -6.66 11.49
CA LEU A 35 -17.39 -6.67 11.50
C LEU A 35 -16.55 -6.22 12.69
N THR A 36 -16.12 -4.95 12.73
CA THR A 36 -15.21 -4.48 13.78
C THR A 36 -15.89 -3.85 14.98
N GLU A 37 -17.22 -3.76 15.00
CA GLU A 37 -17.92 -3.05 16.07
C GLU A 37 -17.48 -1.59 16.12
N GLY A 38 -17.07 -1.04 15.00
CA GLY A 38 -16.60 0.33 14.96
C GLY A 38 -15.22 0.55 15.54
N LYS A 39 -14.50 -0.49 15.92
CA LYS A 39 -13.15 -0.30 16.44
C LYS A 39 -12.26 0.03 15.25
N LYS A 40 -11.89 1.31 15.12
CA LYS A 40 -11.07 1.77 13.99
C LYS A 40 -9.60 1.36 14.12
N ASP A 41 -9.17 0.93 15.32
CA ASP A 41 -7.81 0.48 15.59
C ASP A 41 -7.54 -0.94 15.09
N THR A 42 -8.54 -1.58 14.51
CA THR A 42 -8.40 -2.85 13.85
C THR A 42 -7.46 -2.76 12.66
N THR A 43 -6.59 -3.73 12.49
CA THR A 43 -5.77 -3.76 11.27
C THR A 43 -6.57 -4.29 10.09
N ILE A 44 -6.52 -3.56 8.98
CA ILE A 44 -7.13 -4.03 7.74
C ILE A 44 -6.01 -4.65 6.92
N PHE A 45 -6.06 -5.96 6.65
CA PHE A 45 -5.07 -6.61 5.80
C PHE A 45 -5.56 -6.66 4.37
N PHE A 46 -4.85 -6.00 3.49
CA PHE A 46 -5.30 -5.82 2.11
C PHE A 46 -4.49 -6.70 1.18
N ARG A 47 -5.17 -7.44 0.31
CA ARG A 47 -4.45 -8.13 -0.75
C ARG A 47 -5.15 -7.93 -2.08
N ALA A 48 -4.41 -8.07 -3.17
CA ALA A 48 -4.98 -7.83 -4.49
C ALA A 48 -4.29 -8.75 -5.46
N ASP A 49 -5.01 -9.09 -6.52
CA ASP A 49 -4.43 -9.81 -7.64
C ASP A 49 -3.27 -8.99 -8.20
N LYS A 50 -2.29 -9.71 -8.79
CA LYS A 50 -1.07 -9.10 -9.30
C LYS A 50 -1.35 -7.95 -10.25
N THR A 51 -2.45 -8.02 -11.02
CA THR A 51 -2.67 -7.04 -12.06
C THR A 51 -3.51 -5.85 -11.62
N VAL A 52 -4.01 -5.84 -10.38
CA VAL A 52 -4.78 -4.71 -9.90
C VAL A 52 -3.89 -3.47 -9.87
N ASP A 53 -4.41 -2.35 -10.37
CA ASP A 53 -3.57 -1.18 -10.57
C ASP A 53 -3.62 -0.19 -9.39
N TYR A 54 -2.67 0.75 -9.43
CA TYR A 54 -2.50 1.69 -8.33
C TYR A 54 -3.71 2.60 -8.19
N GLU A 55 -4.36 2.97 -9.30
CA GLU A 55 -5.57 3.77 -9.23
C GLU A 55 -6.65 3.04 -8.45
N THR A 56 -6.84 1.75 -8.72
CA THR A 56 -7.82 0.98 -7.95
C THR A 56 -7.43 0.85 -6.49
N LEU A 57 -6.17 0.51 -6.20
CA LEU A 57 -5.73 0.39 -4.82
C LEU A 57 -5.98 1.68 -4.06
N MET A 58 -5.64 2.82 -4.67
CA MET A 58 -5.77 4.10 -3.97
C MET A 58 -7.22 4.48 -3.73
N LYS A 59 -8.13 4.06 -4.59
CA LYS A 59 -9.55 4.31 -4.33
C LYS A 59 -9.99 3.56 -3.08
N VAL A 60 -9.56 2.30 -2.92
CA VAL A 60 -9.87 1.55 -1.71
C VAL A 60 -9.22 2.21 -0.49
N MET A 61 -7.93 2.55 -0.57
CA MET A 61 -7.23 3.16 0.56
C MET A 61 -7.90 4.44 0.96
N ASP A 62 -8.32 5.29 -0.01
CA ASP A 62 -9.01 6.56 0.31
C ASP A 62 -10.33 6.29 1.05
N THR A 63 -11.07 5.25 0.64
CA THR A 63 -12.34 4.96 1.29
C THR A 63 -12.11 4.53 2.73
N LEU A 64 -11.13 3.68 2.96
CA LEU A 64 -10.78 3.28 4.35
C LEU A 64 -10.31 4.48 5.15
N HIS A 65 -9.48 5.31 4.55
CA HIS A 65 -8.88 6.43 5.26
C HIS A 65 -9.95 7.40 5.72
N GLN A 66 -10.85 7.80 4.80
CA GLN A 66 -11.87 8.78 5.14
C GLN A 66 -12.82 8.28 6.21
N ALA A 67 -12.93 6.97 6.36
CA ALA A 67 -13.78 6.33 7.37
C ALA A 67 -13.06 6.13 8.68
N GLY A 68 -11.80 6.53 8.74
CA GLY A 68 -11.02 6.46 9.98
C GLY A 68 -10.33 5.15 10.21
N TYR A 69 -10.25 4.29 9.20
CA TYR A 69 -9.48 3.04 9.33
C TYR A 69 -8.05 3.37 8.94
N LEU A 70 -7.23 3.57 9.95
CA LEU A 70 -5.88 4.13 9.77
C LEU A 70 -4.78 3.12 10.02
N LYS A 71 -5.09 1.84 10.16
CA LYS A 71 -4.08 0.79 10.39
C LYS A 71 -4.26 -0.22 9.27
N ILE A 72 -3.40 -0.17 8.25
CA ILE A 72 -3.55 -0.90 6.99
C ILE A 72 -2.25 -1.64 6.69
N GLY A 73 -2.34 -2.97 6.49
CA GLY A 73 -1.23 -3.78 6.12
C GLY A 73 -1.41 -4.33 4.72
N LEU A 74 -0.45 -4.11 3.83
CA LEU A 74 -0.52 -4.66 2.47
C LEU A 74 0.15 -6.02 2.44
N VAL A 75 -0.58 -7.02 1.97
CA VAL A 75 -0.11 -8.40 2.04
C VAL A 75 0.45 -8.77 0.69
N GLY A 76 1.69 -9.27 0.69
CA GLY A 76 2.30 -9.77 -0.52
C GLY A 76 2.42 -11.28 -0.48
N GLU A 77 2.64 -11.90 -1.64
CA GLU A 77 2.92 -13.33 -1.68
C GLU A 77 4.41 -13.55 -1.92
N LYS B 4 13.73 16.65 4.76
CA LYS B 4 13.17 16.71 3.41
C LYS B 4 12.70 15.31 3.01
N PRO B 5 11.38 15.15 2.86
CA PRO B 5 10.81 13.80 2.72
C PRO B 5 11.39 13.10 1.51
N VAL B 6 11.47 11.77 1.60
CA VAL B 6 12.00 10.97 0.50
C VAL B 6 10.83 10.47 -0.32
N TYR B 7 10.81 10.77 -1.61
CA TYR B 7 9.74 10.31 -2.49
C TYR B 7 10.29 9.26 -3.43
N LEU B 8 9.73 8.09 -3.38
CA LEU B 8 10.02 7.04 -4.34
C LEU B 8 8.91 7.00 -5.37
N SER B 9 9.23 7.19 -6.63
CA SER B 9 8.24 7.25 -7.70
CA SER B 9 8.21 7.23 -7.68
C SER B 9 8.42 6.06 -8.63
N VAL B 10 7.31 5.43 -9.06
CA VAL B 10 7.35 4.37 -10.07
C VAL B 10 6.44 4.80 -11.20
N LYS B 11 6.95 4.79 -12.41
CA LYS B 11 6.18 5.22 -13.56
C LYS B 11 5.63 4.00 -14.30
N ALA B 12 4.65 4.28 -15.17
CA ALA B 12 3.97 3.26 -15.97
C ALA B 12 4.96 2.41 -16.76
N ASP B 13 6.06 3.00 -17.24
CA ASP B 13 7.05 2.24 -17.98
C ASP B 13 8.05 1.49 -17.10
N ASN B 14 7.80 1.39 -15.79
CA ASN B 14 8.63 0.70 -14.81
C ASN B 14 9.85 1.51 -14.36
N SER B 15 10.09 2.70 -14.89
CA SER B 15 11.22 3.46 -14.36
C SER B 15 10.92 3.92 -12.95
N MET B 16 11.96 4.01 -12.15
CA MET B 16 11.80 4.35 -10.76
CA MET B 16 11.82 4.33 -10.75
C MET B 16 12.78 5.45 -10.40
N PHE B 17 12.38 6.29 -9.45
CA PHE B 17 13.18 7.44 -9.03
C PHE B 17 13.13 7.58 -7.51
N ILE B 18 14.24 8.00 -6.94
CA ILE B 18 14.29 8.53 -5.59
C ILE B 18 14.50 10.03 -5.73
N GLY B 19 13.52 10.82 -5.31
CA GLY B 19 13.52 12.23 -5.70
C GLY B 19 13.51 12.32 -7.22
N ASN B 20 14.46 13.07 -7.77
CA ASN B 20 14.63 13.20 -9.21
C ASN B 20 15.67 12.25 -9.78
N ASP B 21 16.19 11.34 -8.98
CA ASP B 21 17.34 10.55 -9.46
C ASP B 21 16.90 9.13 -9.84
N PRO B 22 17.22 8.62 -11.01
CA PRO B 22 16.72 7.30 -11.39
C PRO B 22 17.46 6.18 -10.68
N VAL B 23 16.70 5.14 -10.36
CA VAL B 23 17.25 3.93 -9.72
C VAL B 23 16.61 2.70 -10.35
N THR B 24 17.13 1.53 -9.97
CA THR B 24 16.51 0.25 -10.33
C THR B 24 16.25 -0.51 -9.04
N ASP B 25 15.59 -1.67 -9.19
CA ASP B 25 15.29 -2.45 -7.99
C ASP B 25 16.58 -2.85 -7.27
N GLU B 26 17.65 -3.14 -8.03
CA GLU B 26 18.88 -3.58 -7.41
C GLU B 26 19.73 -2.46 -6.86
N THR B 27 19.48 -1.19 -7.24
CA THR B 27 20.29 -0.09 -6.77
C THR B 27 19.52 0.85 -5.84
N MET B 28 18.23 0.63 -5.64
CA MET B 28 17.40 1.58 -4.90
C MET B 28 17.85 1.69 -3.44
N ILE B 29 18.19 0.56 -2.82
CA ILE B 29 18.53 0.59 -1.39
C ILE B 29 19.86 1.32 -1.13
N THR B 30 20.88 1.07 -1.93
CA THR B 30 22.13 1.80 -1.67
CA THR B 30 22.13 1.79 -1.69
C THR B 30 21.95 3.29 -1.89
N ALA B 31 21.13 3.68 -2.87
CA ALA B 31 20.86 5.10 -3.07
C ALA B 31 20.06 5.67 -1.91
N LEU B 32 19.05 4.95 -1.46
CA LEU B 32 18.23 5.39 -0.34
C LEU B 32 19.04 5.53 0.93
N ASN B 33 19.85 4.51 1.26
CA ASN B 33 20.68 4.57 2.46
C ASN B 33 21.63 5.75 2.43
N ALA B 34 22.21 6.03 1.25
CA ALA B 34 23.09 7.20 1.14
C ALA B 34 22.32 8.48 1.41
N LEU B 35 21.06 8.53 0.96
CA LEU B 35 20.26 9.74 1.13
C LEU B 35 19.83 9.94 2.58
N THR B 36 19.43 8.88 3.27
CA THR B 36 18.85 8.95 4.61
C THR B 36 19.89 8.82 5.72
N GLU B 37 21.17 8.70 5.39
CA GLU B 37 22.22 8.47 6.39
C GLU B 37 22.04 7.13 7.10
N GLY B 38 21.35 6.19 6.48
CA GLY B 38 21.03 4.91 7.06
C GLY B 38 19.99 4.94 8.14
N LYS B 39 19.24 6.03 8.30
CA LYS B 39 18.19 6.12 9.30
C LYS B 39 16.94 5.45 8.77
N LYS B 40 16.63 4.26 9.32
CA LYS B 40 15.51 3.48 8.83
C LYS B 40 14.16 4.01 9.30
N ASP B 41 14.14 4.96 10.25
CA ASP B 41 12.90 5.63 10.66
C ASP B 41 12.43 6.71 9.68
N THR B 42 13.13 6.95 8.58
CA THR B 42 12.69 7.92 7.60
C THR B 42 11.43 7.41 6.91
N THR B 43 10.38 8.23 6.83
CA THR B 43 9.22 7.76 6.06
C THR B 43 9.60 7.77 4.59
N ILE B 44 9.25 6.70 3.89
CA ILE B 44 9.38 6.65 2.45
C ILE B 44 8.01 6.91 1.88
N PHE B 45 7.85 8.01 1.15
CA PHE B 45 6.62 8.30 0.42
C PHE B 45 6.65 7.63 -0.92
N PHE B 46 5.60 6.92 -1.28
CA PHE B 46 5.55 6.15 -2.50
C PHE B 46 4.48 6.76 -3.40
N ARG B 47 4.83 7.05 -4.66
CA ARG B 47 3.81 7.42 -5.63
C ARG B 47 4.04 6.63 -6.90
N ALA B 48 2.97 6.34 -7.59
CA ALA B 48 3.05 5.56 -8.81
C ALA B 48 2.04 6.05 -9.80
N ASP B 49 2.35 5.83 -11.07
CA ASP B 49 1.39 6.06 -12.13
C ASP B 49 0.16 5.18 -11.91
N LYS B 50 -0.98 5.66 -12.42
CA LYS B 50 -2.25 5.00 -12.17
C LYS B 50 -2.23 3.54 -12.62
N THR B 51 -1.52 3.22 -13.71
CA THR B 51 -1.54 1.87 -14.26
C THR B 51 -0.50 0.93 -13.67
N VAL B 52 0.36 1.41 -12.76
CA VAL B 52 1.34 0.54 -12.13
C VAL B 52 0.59 -0.54 -11.33
N ASP B 53 1.04 -1.77 -11.45
CA ASP B 53 0.25 -2.86 -10.86
C ASP B 53 0.73 -3.27 -9.49
N TYR B 54 -0.13 -4.04 -8.82
CA TYR B 54 0.13 -4.46 -7.45
C TYR B 54 1.39 -5.31 -7.36
N GLU B 55 1.65 -6.15 -8.35
CA GLU B 55 2.86 -6.96 -8.32
C GLU B 55 4.11 -6.07 -8.28
N THR B 56 4.14 -5.00 -9.09
CA THR B 56 5.24 -4.02 -9.06
C THR B 56 5.31 -3.31 -7.71
N LEU B 57 4.17 -2.80 -7.21
CA LEU B 57 4.19 -2.15 -5.90
C LEU B 57 4.78 -3.07 -4.83
N MET B 58 4.36 -4.33 -4.81
CA MET B 58 4.80 -5.23 -3.76
C MET B 58 6.29 -5.53 -3.86
N LYS B 59 6.81 -5.61 -5.09
CA LYS B 59 8.25 -5.82 -5.29
C LYS B 59 9.03 -4.68 -4.65
N VAL B 60 8.59 -3.44 -4.86
CA VAL B 60 9.24 -2.27 -4.26
C VAL B 60 9.09 -2.31 -2.76
N MET B 61 7.87 -2.56 -2.27
CA MET B 61 7.62 -2.61 -0.83
C MET B 61 8.48 -3.69 -0.20
N ASP B 62 8.66 -4.83 -0.88
CA ASP B 62 9.49 -5.89 -0.28
C ASP B 62 10.95 -5.48 -0.21
N THR B 63 11.48 -4.88 -1.28
CA THR B 63 12.85 -4.38 -1.24
C THR B 63 13.05 -3.42 -0.06
N LEU B 64 12.09 -2.51 0.18
CA LEU B 64 12.17 -1.55 1.27
C LEU B 64 12.12 -2.27 2.60
N HIS B 65 11.15 -3.17 2.75
CA HIS B 65 10.97 -3.90 4.00
C HIS B 65 12.20 -4.72 4.34
N GLN B 66 12.78 -5.42 3.35
CA GLN B 66 13.96 -6.21 3.68
C GLN B 66 15.14 -5.37 4.15
N ALA B 67 15.20 -4.11 3.75
CA ALA B 67 16.25 -3.18 4.11
C ALA B 67 15.96 -2.46 5.42
N GLY B 68 14.80 -2.70 6.02
CA GLY B 68 14.45 -2.13 7.30
C GLY B 68 13.63 -0.86 7.25
N TYR B 69 13.17 -0.43 6.07
CA TYR B 69 12.35 0.78 5.96
C TYR B 69 10.90 0.35 6.10
N LEU B 70 10.36 0.57 7.30
CA LEU B 70 9.03 0.11 7.66
C LEU B 70 7.94 1.15 7.46
N LYS B 71 8.29 2.44 7.58
CA LYS B 71 7.32 3.52 7.49
C LYS B 71 7.10 3.92 6.03
N ILE B 72 5.93 3.58 5.49
CA ILE B 72 5.58 3.87 4.11
C ILE B 72 4.33 4.76 4.09
N GLY B 73 4.33 5.79 3.25
CA GLY B 73 3.15 6.63 3.04
C GLY B 73 2.78 6.57 1.56
N LEU B 74 1.61 6.06 1.20
CA LEU B 74 1.20 5.99 -0.21
C LEU B 74 0.55 7.31 -0.59
N VAL B 75 1.01 7.88 -1.71
CA VAL B 75 0.45 9.15 -2.18
C VAL B 75 -0.18 8.93 -3.57
N GLY B 76 -1.31 9.59 -3.79
CA GLY B 76 -2.02 9.51 -5.06
C GLY B 76 -2.22 10.86 -5.71
N GLN C 1 -2.74 13.82 3.56
CA GLN C 1 -2.95 13.10 2.32
C GLN C 1 -2.17 11.84 1.98
N PRO C 2 -0.99 11.56 2.56
CA PRO C 2 -0.48 10.18 2.44
C PRO C 2 -1.34 9.23 3.25
N ILE C 3 -1.38 7.99 2.81
CA ILE C 3 -2.01 6.89 3.56
C ILE C 3 -0.88 6.03 4.10
N SER C 4 -0.73 6.00 5.42
CA SER C 4 0.31 5.19 6.04
CA SER C 4 0.31 5.19 6.05
C SER C 4 -0.05 3.71 5.95
N VAL C 5 0.89 2.90 5.47
CA VAL C 5 0.71 1.46 5.39
C VAL C 5 1.95 0.75 5.91
N THR C 6 1.77 -0.52 6.26
CA THR C 6 2.88 -1.45 6.47
C THR C 6 2.84 -2.58 5.44
N MET C 7 3.94 -3.27 5.25
CA MET C 7 3.98 -4.41 4.35
C MET C 7 4.07 -5.68 5.20
N VAL C 8 3.17 -6.62 4.94
CA VAL C 8 3.02 -7.84 5.70
C VAL C 8 3.29 -8.99 4.72
N THR C 9 4.32 -9.80 5.00
CA THR C 9 4.53 -10.97 4.13
C THR C 9 4.87 -12.22 4.94
N PRO C 10 4.35 -13.40 4.53
CA PRO C 10 4.67 -14.68 5.20
C PRO C 10 6.14 -15.07 5.00
#